data_6UKJ
#
_entry.id   6UKJ
#
_cell.length_a   1.00
_cell.length_b   1.00
_cell.length_c   1.00
_cell.angle_alpha   90.00
_cell.angle_beta   90.00
_cell.angle_gamma   90.00
#
_symmetry.space_group_name_H-M   'P 1'
#
loop_
_entity.id
_entity.type
_entity.pdbx_description
1 polymer 'Chloroquine resistance transporter'
2 polymer 'Fab Heavy Chain'
3 polymer 'Fab Light Chain'
4 non-polymer 'CHOLESTEROL HEMISUCCINATE'
#
loop_
_entity_poly.entity_id
_entity_poly.type
_entity_poly.pdbx_seq_one_letter_code
_entity_poly.pdbx_strand_id
1 'polypeptide(L)'
;MGRAKFASKKNNQKNSSKNDERYRELDNLVQEGNGSRLGGGSCLGKCAHVFKLIFKEIKDNIFIYILSIIYLSVSVMNTI
FAKRTLNKIGNYSFVTSETHNFICMIMFFIVYSLFGNKKGNSKERHRSFNLQFFAISMLDACSVILAFIGLTRTTGNIQS
FVLQLSIPINMFFCFLILRYRYHLYNYLGAVIIVVTIALVEMKLSFETQEENSIIFNLVLISSLIPVCFSNMTREIVFKK
YKIDILRLNAMVSFFQLFTSCLILPVYTLPFLKQLHLPYNEIWTNIKNGFACLFLGRNTVVENCGLGMAKLCDDCDGAWK
TFALFSFFDICDNLITSYIIDKFSTMTYTIVSCIQGPALAIAYYFKFLAGDVVREPRLLDFVTLFGYLFGSIIYRVGNII
LERKKMRNEENEDSEGELTNVDSIITQAAAGGGSGGGSENLYFQGSHHHHHHHHHHWSHPQFEK
;
A
2 'polypeptide(L)'
;EISEVQLVESGGGLVQPGGSLRLSCAASGFNVSYSYIHWVRQAPGKGLEWVASIYPYSGYTSYADSVKGRFTISADTSKN
TAYLQMNSLRAEDTAVYYCARYGSNYSFWYRGSSVTYAIDYWGQGTLVTVSSASTKGPSVFPLAPSSKSTSGGTAALGCL
VKDYFPEPVTVSWNSGALTSGVHTFPAVLQSSGLYSLSSVVTVPSSSLGTQTYICNVNHKPSNTKVDKKVEPKSCDKTHT
C
;
H
3 'polypeptide(L)'
;SDIQMTQSPSSLSASVGDRVTITCRASQSVSSAVAWYQQKPGKAPKLLIYSASSLYSGVPSRFSGSRSGTDFTLTISSLQ
PEDFATYYCQQSSTWPITFGQGTKVEIKRTVAAPSVFIFPPSDSQLKSGTASVVCLLNNFYPREAKVQWKVDNALQSGNS
QESVTEQDSKDSTYSLSSTLTLSKADYEKHKVYACEVTHQGLSSPVTKSFNRGEC
;
L
#
# COMPACT_ATOMS: atom_id res chain seq x y z
N VAL A 50 20.48 -32.56 24.61
CA VAL A 50 19.38 -33.40 24.16
C VAL A 50 18.61 -32.66 23.07
N PHE A 51 18.98 -32.93 21.81
CA PHE A 51 18.42 -32.24 20.65
C PHE A 51 17.73 -33.20 19.67
N LYS A 52 17.41 -34.41 20.13
CA LYS A 52 16.62 -35.37 19.35
C LYS A 52 15.13 -35.30 19.64
N LEU A 53 14.71 -34.47 20.59
CA LEU A 53 13.31 -34.41 21.01
C LEU A 53 12.44 -33.65 20.01
N ILE A 54 13.04 -32.83 19.15
CA ILE A 54 12.28 -32.07 18.17
C ILE A 54 11.55 -33.00 17.21
N PHE A 55 12.16 -34.15 16.87
CA PHE A 55 11.52 -35.07 15.94
C PHE A 55 10.25 -35.65 16.53
N LYS A 56 10.29 -36.06 17.79
CA LYS A 56 9.10 -36.59 18.43
C LYS A 56 8.05 -35.49 18.60
N GLU A 57 8.48 -34.29 18.97
CA GLU A 57 7.53 -33.19 19.15
C GLU A 57 6.81 -32.85 17.85
N ILE A 58 7.50 -32.97 16.71
CA ILE A 58 6.85 -32.68 15.44
C ILE A 58 6.00 -33.87 15.00
N LYS A 59 6.50 -35.08 15.18
CA LYS A 59 5.77 -36.27 14.74
C LYS A 59 4.52 -36.53 15.58
N ASP A 60 4.39 -35.87 16.75
CA ASP A 60 3.17 -36.03 17.53
C ASP A 60 2.02 -35.25 16.91
N ASN A 61 2.28 -34.04 16.42
CA ASN A 61 1.24 -33.08 16.06
C ASN A 61 1.56 -32.41 14.72
N ILE A 62 1.91 -33.21 13.72
CA ILE A 62 2.42 -32.68 12.46
C ILE A 62 1.39 -31.92 11.64
N PHE A 63 0.10 -32.10 11.88
CA PHE A 63 -0.90 -31.48 11.01
C PHE A 63 -0.88 -29.96 11.11
N ILE A 64 -0.56 -29.40 12.26
CA ILE A 64 -0.62 -27.95 12.40
C ILE A 64 0.48 -27.29 11.56
N TYR A 65 1.66 -27.90 11.49
CA TYR A 65 2.73 -27.28 10.71
C TYR A 65 2.44 -27.39 9.22
N ILE A 66 1.87 -28.51 8.78
CA ILE A 66 1.52 -28.67 7.38
C ILE A 66 0.40 -27.71 7.01
N LEU A 67 -0.57 -27.54 7.90
CA LEU A 67 -1.65 -26.59 7.64
C LEU A 67 -1.13 -25.16 7.60
N SER A 68 -0.11 -24.85 8.41
CA SER A 68 0.48 -23.53 8.33
C SER A 68 1.21 -23.32 7.01
N ILE A 69 1.87 -24.37 6.52
CA ILE A 69 2.50 -24.29 5.20
C ILE A 69 1.44 -24.03 4.13
N ILE A 70 0.31 -24.72 4.22
CA ILE A 70 -0.72 -24.58 3.21
C ILE A 70 -1.35 -23.19 3.28
N TYR A 71 -1.64 -22.72 4.49
CA TYR A 71 -2.19 -21.38 4.64
C TYR A 71 -1.22 -20.33 4.15
N LEU A 72 0.07 -20.55 4.33
CA LEU A 72 1.07 -19.64 3.80
C LEU A 72 0.98 -19.58 2.28
N SER A 73 1.05 -20.74 1.64
CA SER A 73 1.00 -20.81 0.19
C SER A 73 -0.31 -20.29 -0.36
N VAL A 74 -1.37 -20.29 0.44
CA VAL A 74 -2.67 -19.79 -0.03
C VAL A 74 -2.81 -18.30 0.22
N SER A 75 -2.34 -17.80 1.37
CA SER A 75 -2.55 -16.39 1.70
C SER A 75 -1.66 -15.49 0.88
N VAL A 76 -0.40 -15.89 0.66
CA VAL A 76 0.46 -15.04 -0.15
C VAL A 76 -0.09 -14.97 -1.57
N MET A 77 -0.60 -16.08 -2.11
CA MET A 77 -1.14 -16.07 -3.45
C MET A 77 -2.46 -15.32 -3.51
N ASN A 78 -3.24 -15.38 -2.44
CA ASN A 78 -4.50 -14.63 -2.42
C ASN A 78 -4.24 -13.13 -2.46
N THR A 79 -3.33 -12.65 -1.61
CA THR A 79 -3.01 -11.23 -1.64
C THR A 79 -2.36 -10.84 -2.96
N ILE A 80 -1.48 -11.70 -3.50
CA ILE A 80 -0.81 -11.43 -4.75
C ILE A 80 -1.82 -11.25 -5.87
N PHE A 81 -2.75 -12.20 -6.01
CA PHE A 81 -3.72 -12.12 -7.08
C PHE A 81 -4.75 -11.04 -6.83
N ALA A 82 -5.00 -10.67 -5.57
CA ALA A 82 -5.89 -9.56 -5.29
C ALA A 82 -5.29 -8.25 -5.76
N LYS A 83 -4.01 -8.02 -5.46
CA LYS A 83 -3.38 -6.80 -5.93
C LYS A 83 -3.12 -6.85 -7.43
N ARG A 84 -3.03 -8.04 -8.01
CA ARG A 84 -2.81 -8.14 -9.45
C ARG A 84 -4.09 -7.87 -10.23
N THR A 85 -5.25 -8.26 -9.69
CA THR A 85 -6.51 -7.96 -10.36
C THR A 85 -7.00 -6.56 -10.05
N LEU A 86 -6.78 -6.08 -8.82
CA LEU A 86 -7.17 -4.72 -8.47
C LEU A 86 -6.16 -3.69 -8.96
N ASN A 87 -5.06 -4.12 -9.55
CA ASN A 87 -4.30 -3.28 -10.46
C ASN A 87 -4.83 -3.33 -11.87
N LYS A 88 -5.55 -4.39 -12.22
CA LYS A 88 -6.23 -4.50 -13.51
C LYS A 88 -7.63 -3.89 -13.46
N ILE A 89 -8.32 -4.01 -12.34
CA ILE A 89 -9.59 -3.33 -12.10
C ILE A 89 -9.47 -2.60 -10.77
N GLY A 90 -8.91 -1.39 -10.81
CA GLY A 90 -8.79 -0.60 -9.59
C GLY A 90 -10.13 -0.04 -9.15
N ASN A 91 -10.92 0.44 -10.10
CA ASN A 91 -12.30 0.76 -9.81
C ASN A 91 -13.06 -0.55 -9.67
N TYR A 92 -14.36 -0.44 -9.39
CA TYR A 92 -15.24 -1.60 -9.33
C TYR A 92 -14.79 -2.59 -8.26
N SER A 93 -14.23 -2.08 -7.16
CA SER A 93 -13.78 -2.95 -6.08
C SER A 93 -14.94 -3.61 -5.37
N PHE A 94 -15.99 -2.83 -5.06
CA PHE A 94 -17.16 -3.39 -4.40
C PHE A 94 -17.79 -4.49 -5.23
N VAL A 95 -17.81 -4.31 -6.55
CA VAL A 95 -18.38 -5.32 -7.43
C VAL A 95 -17.54 -6.58 -7.39
N THR A 96 -16.22 -6.41 -7.36
CA THR A 96 -15.33 -7.57 -7.30
C THR A 96 -15.56 -8.36 -6.03
N SER A 97 -15.66 -7.66 -4.89
CA SER A 97 -15.88 -8.37 -3.64
C SER A 97 -17.26 -8.99 -3.59
N GLU A 98 -18.25 -8.36 -4.21
CA GLU A 98 -19.61 -8.89 -4.16
C GLU A 98 -19.74 -10.14 -5.01
N THR A 99 -19.20 -10.11 -6.24
CA THR A 99 -19.18 -11.30 -7.07
C THR A 99 -18.37 -12.40 -6.42
N HIS A 100 -17.27 -12.04 -5.76
CA HIS A 100 -16.45 -13.02 -5.07
C HIS A 100 -17.23 -13.69 -3.95
N ASN A 101 -18.03 -12.91 -3.23
CA ASN A 101 -18.84 -13.48 -2.16
C ASN A 101 -19.94 -14.36 -2.70
N PHE A 102 -20.55 -13.98 -3.83
CA PHE A 102 -21.58 -14.80 -4.44
C PHE A 102 -21.04 -16.16 -4.86
N ILE A 103 -19.88 -16.17 -5.52
CA ILE A 103 -19.33 -17.44 -5.95
C ILE A 103 -18.76 -18.22 -4.77
N CYS A 104 -18.28 -17.54 -3.72
CA CYS A 104 -17.95 -18.22 -2.49
C CYS A 104 -19.15 -18.95 -1.93
N MET A 105 -20.30 -18.29 -1.92
CA MET A 105 -21.50 -18.87 -1.36
C MET A 105 -21.92 -20.11 -2.13
N ILE A 106 -22.03 -20.00 -3.46
CA ILE A 106 -22.53 -21.17 -4.19
C ILE A 106 -21.51 -22.28 -4.20
N MET A 107 -20.21 -21.96 -4.20
CA MET A 107 -19.19 -23.00 -4.17
C MET A 107 -19.21 -23.73 -2.84
N PHE A 108 -19.38 -22.99 -1.74
CA PHE A 108 -19.41 -23.62 -0.43
C PHE A 108 -20.69 -24.42 -0.25
N PHE A 109 -21.80 -24.00 -0.86
CA PHE A 109 -23.01 -24.81 -0.75
C PHE A 109 -22.89 -26.09 -1.56
N ILE A 110 -22.23 -26.02 -2.72
CA ILE A 110 -22.00 -27.22 -3.51
C ILE A 110 -21.11 -28.18 -2.74
N VAL A 111 -20.07 -27.65 -2.11
CA VAL A 111 -19.15 -28.48 -1.34
C VAL A 111 -19.84 -29.06 -0.10
N TYR A 112 -20.76 -28.32 0.51
CA TYR A 112 -21.50 -28.83 1.65
C TYR A 112 -22.45 -29.93 1.23
N SER A 113 -23.05 -29.80 0.05
CA SER A 113 -23.94 -30.85 -0.44
C SER A 113 -23.15 -32.10 -0.84
N LEU A 114 -21.92 -31.94 -1.32
CA LEU A 114 -21.14 -33.09 -1.76
C LEU A 114 -20.43 -33.80 -0.60
N PHE A 115 -19.88 -33.04 0.34
CA PHE A 115 -19.01 -33.59 1.37
C PHE A 115 -19.69 -33.68 2.73
N GLY A 116 -20.36 -32.61 3.16
CA GLY A 116 -21.01 -32.60 4.46
C GLY A 116 -22.25 -33.46 4.53
N HIS A 126 -32.26 -23.10 20.96
CA HIS A 126 -31.57 -22.90 19.71
C HIS A 126 -32.00 -23.93 18.67
N ARG A 127 -32.49 -23.45 17.53
CA ARG A 127 -32.89 -24.28 16.40
C ARG A 127 -31.91 -24.19 15.25
N SER A 128 -31.58 -22.98 14.81
CA SER A 128 -30.57 -22.77 13.79
C SER A 128 -29.78 -21.51 14.13
N PHE A 129 -28.63 -21.36 13.50
CA PHE A 129 -27.64 -20.34 13.86
C PHE A 129 -27.54 -19.26 12.79
N ASN A 130 -28.66 -18.87 12.20
CA ASN A 130 -28.63 -17.80 11.21
C ASN A 130 -28.32 -16.46 11.87
N LEU A 131 -28.77 -16.25 13.10
CA LEU A 131 -28.47 -15.01 13.80
C LEU A 131 -26.97 -14.92 14.12
N GLN A 132 -26.37 -16.04 14.49
CA GLN A 132 -24.94 -16.04 14.77
C GLN A 132 -24.13 -15.88 13.49
N PHE A 133 -24.60 -16.46 12.38
CA PHE A 133 -23.93 -16.24 11.10
C PHE A 133 -24.03 -14.78 10.69
N PHE A 134 -25.17 -14.15 10.95
CA PHE A 134 -25.32 -12.74 10.62
C PHE A 134 -24.42 -11.88 11.48
N ALA A 135 -24.25 -12.25 12.74
CA ALA A 135 -23.32 -11.52 13.60
C ALA A 135 -21.89 -11.66 13.07
N ILE A 136 -21.50 -12.87 12.67
CA ILE A 136 -20.17 -13.09 12.12
C ILE A 136 -19.97 -12.23 10.88
N SER A 137 -20.94 -12.22 9.99
CA SER A 137 -20.78 -11.51 8.73
C SER A 137 -20.79 -10.00 8.94
N MET A 138 -21.60 -9.50 9.87
CA MET A 138 -21.62 -8.08 10.14
C MET A 138 -20.32 -7.64 10.80
N LEU A 139 -19.74 -8.49 11.64
CA LEU A 139 -18.43 -8.18 12.19
C LEU A 139 -17.38 -8.12 11.11
N ASP A 140 -17.38 -9.10 10.20
CA ASP A 140 -16.43 -9.07 9.10
C ASP A 140 -16.65 -7.85 8.21
N ALA A 141 -17.90 -7.43 8.08
CA ALA A 141 -18.22 -6.30 7.23
C ALA A 141 -17.68 -5.01 7.83
N CYS A 142 -17.90 -4.79 9.12
CA CYS A 142 -17.35 -3.60 9.75
C CYS A 142 -15.83 -3.67 9.82
N SER A 143 -15.27 -4.88 9.88
CA SER A 143 -13.82 -5.03 9.82
C SER A 143 -13.29 -4.52 8.49
N VAL A 144 -13.90 -4.95 7.38
CA VAL A 144 -13.43 -4.48 6.09
C VAL A 144 -13.77 -3.01 5.86
N ILE A 145 -14.83 -2.48 6.48
CA ILE A 145 -15.07 -1.04 6.46
C ILE A 145 -13.89 -0.30 7.06
N LEU A 146 -13.56 -0.63 8.30
CA LEU A 146 -12.54 0.12 9.02
C LEU A 146 -11.17 -0.09 8.39
N ALA A 147 -10.95 -1.25 7.77
CA ALA A 147 -9.70 -1.46 7.06
C ALA A 147 -9.64 -0.64 5.79
N PHE A 148 -10.72 -0.60 5.03
CA PHE A 148 -10.77 0.18 3.80
C PHE A 148 -10.62 1.66 4.09
N ILE A 149 -11.10 2.10 5.26
CA ILE A 149 -10.93 3.49 5.65
C ILE A 149 -9.50 3.75 6.10
N GLY A 150 -8.93 2.82 6.87
CA GLY A 150 -7.63 3.05 7.47
C GLY A 150 -6.46 2.91 6.52
N LEU A 151 -6.64 2.17 5.43
CA LEU A 151 -5.57 1.93 4.49
C LEU A 151 -5.38 3.06 3.48
N THR A 152 -6.09 4.17 3.63
CA THR A 152 -5.91 5.30 2.73
C THR A 152 -4.67 6.09 3.11
N ARG A 153 -4.47 6.32 4.40
CA ARG A 153 -3.25 6.92 4.94
C ARG A 153 -2.64 5.90 5.89
N THR A 154 -1.87 4.98 5.34
CA THR A 154 -1.15 4.00 6.14
C THR A 154 -0.02 3.44 5.29
N THR A 155 1.18 3.41 5.86
CA THR A 155 2.32 2.92 5.10
C THR A 155 2.31 1.40 5.04
N GLY A 156 3.11 0.85 4.14
CA GLY A 156 3.18 -0.59 3.99
C GLY A 156 3.82 -1.31 5.16
N ASN A 157 4.56 -0.59 6.00
CA ASN A 157 5.22 -1.21 7.14
C ASN A 157 4.29 -1.23 8.36
N ILE A 158 3.54 -0.15 8.53
CA ILE A 158 2.58 -0.09 9.62
C ILE A 158 1.50 -1.13 9.46
N GLN A 159 1.24 -1.60 8.24
CA GLN A 159 0.24 -2.66 8.05
C GLN A 159 0.74 -3.97 8.64
N SER A 160 2.02 -4.28 8.46
CA SER A 160 2.58 -5.48 9.07
C SER A 160 2.61 -5.34 10.58
N PHE A 161 2.98 -4.16 11.06
CA PHE A 161 2.94 -3.91 12.51
C PHE A 161 1.51 -4.03 13.04
N VAL A 162 0.52 -3.69 12.22
CA VAL A 162 -0.87 -3.79 12.64
C VAL A 162 -1.30 -5.25 12.73
N LEU A 163 -0.79 -6.09 11.84
CA LEU A 163 -1.03 -7.53 11.97
C LEU A 163 -0.42 -8.07 13.27
N GLN A 164 0.83 -7.69 13.53
CA GLN A 164 1.47 -8.11 14.77
C GLN A 164 0.79 -7.52 15.99
N LEU A 165 0.05 -6.42 15.84
CA LEU A 165 -0.82 -5.93 16.91
C LEU A 165 -2.18 -6.60 16.93
N SER A 166 -2.57 -7.28 15.87
CA SER A 166 -3.73 -8.17 15.95
C SER A 166 -3.43 -9.42 16.73
N ILE A 167 -2.15 -9.73 16.91
CA ILE A 167 -1.83 -10.85 17.80
C ILE A 167 -2.33 -10.56 19.23
N PRO A 168 -1.85 -9.53 19.94
CA PRO A 168 -2.25 -9.39 21.35
C PRO A 168 -3.68 -8.96 21.57
N ILE A 169 -4.29 -8.27 20.62
CA ILE A 169 -5.73 -8.01 20.71
C ILE A 169 -6.48 -9.33 20.82
N ASN A 170 -6.15 -10.25 19.93
CA ASN A 170 -6.75 -11.57 19.96
C ASN A 170 -6.41 -12.30 21.25
N MET A 171 -5.19 -12.10 21.73
CA MET A 171 -4.77 -12.72 22.99
C MET A 171 -5.64 -12.29 24.14
N PHE A 172 -5.81 -10.98 24.30
CA PHE A 172 -6.54 -10.45 25.44
C PHE A 172 -8.02 -10.75 25.32
N PHE A 173 -8.58 -10.67 24.11
CA PHE A 173 -10.01 -10.89 23.97
C PHE A 173 -10.37 -12.38 24.03
N CYS A 174 -9.43 -13.26 23.75
CA CYS A 174 -9.63 -14.68 23.99
C CYS A 174 -9.39 -15.05 25.45
N PHE A 175 -8.57 -14.27 26.16
CA PHE A 175 -8.51 -14.42 27.61
C PHE A 175 -9.82 -14.03 28.25
N LEU A 176 -10.40 -12.92 27.79
CA LEU A 176 -11.51 -12.29 28.47
C LEU A 176 -12.80 -13.07 28.25
N ILE A 177 -13.16 -13.26 26.98
CA ILE A 177 -14.46 -13.81 26.66
C ILE A 177 -14.48 -15.31 26.90
N LEU A 178 -13.72 -16.07 26.11
CA LEU A 178 -13.75 -17.52 26.14
C LEU A 178 -12.61 -18.13 26.97
N ARG A 179 -12.11 -17.38 27.95
CA ARG A 179 -11.42 -17.95 29.12
C ARG A 179 -10.21 -18.81 28.74
N TYR A 180 -9.20 -18.16 28.17
CA TYR A 180 -7.93 -18.83 27.95
C TYR A 180 -7.05 -18.70 29.18
N ARG A 181 -6.03 -19.55 29.23
CA ARG A 181 -5.00 -19.51 30.28
C ARG A 181 -3.65 -19.53 29.60
N TYR A 182 -2.86 -18.49 29.81
CA TYR A 182 -1.61 -18.28 29.09
C TYR A 182 -0.41 -18.55 29.99
N HIS A 183 0.62 -19.13 29.40
CA HIS A 183 1.86 -19.42 30.11
C HIS A 183 2.83 -18.25 30.01
N LEU A 184 3.86 -18.31 30.83
CA LEU A 184 4.97 -17.34 30.81
C LEU A 184 5.55 -17.22 29.40
N TYR A 185 5.93 -18.35 28.81
CA TYR A 185 6.60 -18.33 27.52
C TYR A 185 5.71 -17.79 26.42
N ASN A 186 4.39 -17.89 26.57
CA ASN A 186 3.48 -17.36 25.57
C ASN A 186 3.58 -15.83 25.53
N TYR A 187 3.51 -15.21 26.71
CA TYR A 187 3.67 -13.77 26.79
C TYR A 187 5.04 -13.35 26.29
N LEU A 188 6.08 -14.13 26.63
CA LEU A 188 7.41 -13.78 26.17
C LEU A 188 7.49 -13.82 24.65
N GLY A 189 6.89 -14.84 24.04
CA GLY A 189 6.92 -14.92 22.59
C GLY A 189 6.16 -13.78 21.93
N ALA A 190 5.01 -13.42 22.51
CA ALA A 190 4.23 -12.34 21.93
C ALA A 190 4.95 -11.00 22.03
N VAL A 191 5.55 -10.71 23.18
CA VAL A 191 6.27 -9.44 23.28
C VAL A 191 7.50 -9.48 22.39
N ILE A 192 8.14 -10.64 22.24
CA ILE A 192 9.31 -10.76 21.39
C ILE A 192 8.97 -10.39 19.95
N ILE A 193 7.99 -11.10 19.39
CA ILE A 193 7.59 -10.86 18.01
C ILE A 193 7.12 -9.41 17.82
N VAL A 194 6.29 -8.91 18.72
CA VAL A 194 5.69 -7.61 18.47
C VAL A 194 6.73 -6.52 18.61
N VAL A 195 7.60 -6.61 19.61
CA VAL A 195 8.63 -5.59 19.80
C VAL A 195 9.59 -5.59 18.62
N THR A 196 10.04 -6.77 18.18
CA THR A 196 10.97 -6.85 17.06
C THR A 196 10.38 -6.22 15.81
N ILE A 197 9.20 -6.69 15.42
CA ILE A 197 8.62 -6.23 14.17
C ILE A 197 8.17 -4.78 14.28
N ALA A 198 7.77 -4.34 15.46
CA ALA A 198 7.38 -2.95 15.65
C ALA A 198 8.57 -2.03 15.48
N LEU A 199 9.68 -2.36 16.15
CA LEU A 199 10.88 -1.54 16.03
C LEU A 199 11.34 -1.46 14.59
N VAL A 200 11.41 -2.60 13.89
CA VAL A 200 11.96 -2.54 12.55
C VAL A 200 11.01 -1.84 11.58
N GLU A 201 9.70 -2.05 11.71
CA GLU A 201 8.79 -1.41 10.77
C GLU A 201 8.59 0.07 11.07
N MET A 202 8.71 0.47 12.34
CA MET A 202 8.70 1.89 12.66
C MET A 202 9.99 2.56 12.20
N LYS A 203 11.10 1.81 12.21
CA LYS A 203 12.33 2.35 11.64
C LYS A 203 12.18 2.56 10.14
N LEU A 204 11.58 1.60 9.45
CA LEU A 204 11.42 1.73 8.01
C LEU A 204 10.38 2.79 7.67
N SER A 205 9.42 3.04 8.55
CA SER A 205 8.37 4.02 8.26
C SER A 205 8.81 5.44 8.50
N PHE A 206 9.84 5.66 9.34
CA PHE A 206 10.42 6.99 9.45
C PHE A 206 11.04 7.45 8.14
N GLU A 207 11.43 6.51 7.27
CA GLU A 207 12.17 6.81 6.07
C GLU A 207 11.31 6.84 4.83
N THR A 208 10.23 6.07 4.80
CA THR A 208 9.39 6.00 3.61
C THR A 208 8.65 7.30 3.38
N GLN A 209 8.46 7.63 2.11
CA GLN A 209 7.66 8.78 1.71
C GLN A 209 6.17 8.48 1.71
N GLU A 210 5.76 7.26 2.04
CA GLU A 210 4.34 6.94 2.07
C GLU A 210 3.65 7.73 3.16
N GLU A 211 2.55 8.38 2.81
CA GLU A 211 1.86 9.23 3.75
C GLU A 211 1.28 8.40 4.88
N ASN A 212 1.09 9.05 6.03
CA ASN A 212 0.64 8.37 7.22
C ASN A 212 -0.01 9.36 8.16
N SER A 213 -1.10 8.93 8.78
CA SER A 213 -1.76 9.67 9.83
C SER A 213 -2.11 8.68 10.93
N ILE A 214 -1.94 9.11 12.18
CA ILE A 214 -2.04 8.17 13.28
C ILE A 214 -3.48 7.71 13.47
N ILE A 215 -4.44 8.60 13.19
CA ILE A 215 -5.84 8.24 13.36
C ILE A 215 -6.23 7.11 12.42
N PHE A 216 -5.65 7.05 11.23
CA PHE A 216 -5.99 5.99 10.30
C PHE A 216 -5.36 4.66 10.70
N ASN A 217 -4.19 4.70 11.31
CA ASN A 217 -3.64 3.48 11.88
C ASN A 217 -4.50 3.00 13.04
N LEU A 218 -5.02 3.94 13.81
CA LEU A 218 -5.87 3.58 14.94
C LEU A 218 -7.17 2.94 14.46
N VAL A 219 -7.77 3.46 13.39
CA VAL A 219 -8.98 2.80 12.87
C VAL A 219 -8.63 1.50 12.18
N LEU A 220 -7.38 1.29 11.78
CA LEU A 220 -6.97 -0.04 11.34
C LEU A 220 -6.95 -1.03 12.50
N ILE A 221 -6.45 -0.61 13.66
CA ILE A 221 -6.58 -1.47 14.84
C ILE A 221 -8.05 -1.71 15.17
N SER A 222 -8.88 -0.67 15.01
CA SER A 222 -10.30 -0.82 15.19
C SER A 222 -10.91 -1.75 14.16
N SER A 223 -10.25 -1.97 13.03
CA SER A 223 -10.66 -3.01 12.09
C SER A 223 -10.21 -4.38 12.55
N LEU A 224 -9.07 -4.46 13.24
CA LEU A 224 -8.64 -5.74 13.78
C LEU A 224 -9.58 -6.25 14.86
N ILE A 225 -10.24 -5.36 15.59
CA ILE A 225 -11.06 -5.77 16.72
C ILE A 225 -12.21 -6.68 16.29
N PRO A 226 -13.10 -6.26 15.38
CA PRO A 226 -14.25 -7.11 15.04
C PRO A 226 -13.90 -8.37 14.27
N VAL A 227 -12.77 -8.42 13.57
CA VAL A 227 -12.38 -9.69 12.97
C VAL A 227 -11.98 -10.67 14.05
N CYS A 228 -11.44 -10.18 15.17
CA CYS A 228 -11.20 -11.05 16.31
C CYS A 228 -12.51 -11.53 16.92
N PHE A 229 -13.48 -10.62 17.05
CA PHE A 229 -14.79 -11.04 17.55
C PHE A 229 -15.37 -12.14 16.68
N SER A 230 -15.25 -11.99 15.37
CA SER A 230 -15.82 -12.97 14.45
C SER A 230 -15.05 -14.29 14.49
N ASN A 231 -13.73 -14.24 14.57
CA ASN A 231 -12.94 -15.46 14.63
C ASN A 231 -13.25 -16.24 15.90
N MET A 232 -13.36 -15.55 17.04
CA MET A 232 -13.60 -16.29 18.26
C MET A 232 -15.06 -16.70 18.42
N THR A 233 -16.00 -15.98 17.80
CA THR A 233 -17.39 -16.45 17.88
C THR A 233 -17.64 -17.59 16.89
N ARG A 234 -16.93 -17.65 15.77
CA ARG A 234 -17.02 -18.85 14.96
C ARG A 234 -16.31 -20.01 15.64
N GLU A 235 -15.26 -19.74 16.41
CA GLU A 235 -14.69 -20.78 17.26
C GLU A 235 -15.71 -21.27 18.28
N ILE A 236 -16.52 -20.35 18.80
CA ILE A 236 -17.55 -20.73 19.76
C ILE A 236 -18.58 -21.63 19.10
N VAL A 237 -19.10 -21.20 17.94
CA VAL A 237 -20.16 -21.96 17.30
C VAL A 237 -19.63 -23.26 16.68
N PHE A 238 -18.31 -23.40 16.54
CA PHE A 238 -17.71 -24.65 16.09
C PHE A 238 -17.46 -25.61 17.25
N LYS A 239 -16.85 -25.13 18.33
CA LYS A 239 -16.39 -25.98 19.41
C LYS A 239 -17.37 -26.03 20.58
N LYS A 240 -18.61 -25.57 20.39
CA LYS A 240 -19.67 -25.70 21.38
C LYS A 240 -20.89 -26.40 20.80
N TYR A 241 -21.34 -25.96 19.64
CA TYR A 241 -22.52 -26.51 18.98
C TYR A 241 -22.19 -27.46 17.84
N LYS A 242 -20.94 -27.50 17.40
CA LYS A 242 -20.49 -28.45 16.40
C LYS A 242 -21.20 -28.25 15.06
N ILE A 243 -21.38 -26.99 14.68
CA ILE A 243 -21.88 -26.70 13.34
C ILE A 243 -20.79 -27.01 12.33
N ASP A 244 -21.22 -27.32 11.11
CA ASP A 244 -20.26 -27.66 10.07
C ASP A 244 -19.58 -26.40 9.56
N ILE A 245 -18.37 -26.57 9.04
CA ILE A 245 -17.60 -25.46 8.51
C ILE A 245 -18.28 -24.89 7.28
N LEU A 246 -18.73 -25.77 6.39
CA LEU A 246 -19.14 -25.36 5.06
C LEU A 246 -20.47 -24.64 5.08
N ARG A 247 -21.41 -25.13 5.89
CA ARG A 247 -22.67 -24.44 6.09
C ARG A 247 -22.45 -23.05 6.63
N LEU A 248 -21.54 -22.93 7.60
CA LEU A 248 -21.23 -21.64 8.19
C LEU A 248 -20.67 -20.70 7.14
N ASN A 249 -19.72 -21.17 6.34
CA ASN A 249 -19.10 -20.27 5.37
C ASN A 249 -20.09 -19.87 4.29
N ALA A 250 -20.99 -20.77 3.90
CA ALA A 250 -21.99 -20.41 2.89
C ALA A 250 -22.93 -19.34 3.41
N MET A 251 -23.49 -19.54 4.61
CA MET A 251 -24.43 -18.57 5.13
C MET A 251 -23.74 -17.26 5.49
N VAL A 252 -22.48 -17.34 5.92
CA VAL A 252 -21.70 -16.14 6.19
C VAL A 252 -21.50 -15.36 4.90
N SER A 253 -21.22 -16.04 3.79
CA SER A 253 -21.06 -15.33 2.53
C SER A 253 -22.35 -14.72 2.06
N PHE A 254 -23.48 -15.39 2.32
CA PHE A 254 -24.78 -14.81 2.02
C PHE A 254 -24.97 -13.48 2.74
N PHE A 255 -24.81 -13.50 4.05
CA PHE A 255 -24.92 -12.25 4.79
C PHE A 255 -23.79 -11.29 4.47
N GLN A 256 -22.70 -11.76 3.85
CA GLN A 256 -21.63 -10.86 3.45
C GLN A 256 -21.96 -10.15 2.15
N LEU A 257 -22.71 -10.81 1.26
CA LEU A 257 -23.33 -10.09 0.15
C LEU A 257 -24.14 -8.93 0.68
N PHE A 258 -25.00 -9.22 1.66
CA PHE A 258 -25.89 -8.16 2.14
C PHE A 258 -25.11 -7.06 2.86
N THR A 259 -24.14 -7.42 3.69
CA THR A 259 -23.40 -6.39 4.41
C THR A 259 -22.36 -5.69 3.55
N SER A 260 -21.97 -6.25 2.41
CA SER A 260 -21.17 -5.47 1.47
C SER A 260 -22.03 -4.51 0.67
N CYS A 261 -23.25 -4.91 0.29
CA CYS A 261 -24.15 -3.93 -0.29
C CYS A 261 -24.53 -2.84 0.71
N LEU A 262 -24.31 -3.08 2.00
CA LEU A 262 -24.36 -2.01 3.00
C LEU A 262 -23.00 -1.39 3.29
N ILE A 263 -21.90 -1.97 2.79
CA ILE A 263 -20.63 -1.24 2.75
C ILE A 263 -20.69 -0.11 1.76
N LEU A 264 -21.54 -0.27 0.75
CA LEU A 264 -21.58 0.66 -0.39
C LEU A 264 -21.55 2.15 -0.03
N PRO A 265 -22.18 2.63 1.05
CA PRO A 265 -22.17 4.08 1.32
C PRO A 265 -20.86 4.62 1.91
N VAL A 266 -19.79 3.83 1.99
CA VAL A 266 -18.54 4.35 2.51
C VAL A 266 -17.73 5.06 1.43
N TYR A 267 -17.98 4.76 0.16
CA TYR A 267 -17.30 5.45 -0.92
C TYR A 267 -17.72 6.90 -1.03
N THR A 268 -18.83 7.28 -0.41
CA THR A 268 -19.39 8.63 -0.58
C THR A 268 -18.45 9.69 -0.01
N LEU A 269 -17.75 9.39 1.08
CA LEU A 269 -16.90 10.40 1.69
C LEU A 269 -15.65 10.63 0.86
N PRO A 270 -15.09 11.84 0.85
CA PRO A 270 -14.19 12.24 -0.25
C PRO A 270 -12.69 12.13 0.01
N PHE A 271 -12.24 11.74 1.21
CA PHE A 271 -10.80 11.68 1.45
C PHE A 271 -10.18 10.40 0.90
N LEU A 272 -10.96 9.56 0.24
CA LEU A 272 -10.39 8.55 -0.64
C LEU A 272 -9.67 9.25 -1.78
N LYS A 273 -8.60 8.60 -2.26
CA LYS A 273 -7.82 9.21 -3.32
C LYS A 273 -8.46 9.01 -4.68
N GLN A 274 -8.62 7.76 -5.09
CA GLN A 274 -9.08 7.40 -6.43
C GLN A 274 -10.37 6.59 -6.44
N LEU A 275 -10.82 6.08 -5.29
CA LEU A 275 -11.99 5.23 -5.21
C LEU A 275 -13.24 5.97 -4.78
N HIS A 276 -13.15 7.27 -4.53
CA HIS A 276 -14.32 8.04 -4.10
C HIS A 276 -15.33 8.11 -5.22
N LEU A 277 -16.59 7.86 -4.88
CA LEU A 277 -17.70 7.90 -5.83
C LEU A 277 -18.85 8.66 -5.15
N PRO A 278 -19.43 9.70 -5.79
CA PRO A 278 -20.54 10.39 -5.13
C PRO A 278 -21.83 9.59 -5.14
N TYR A 279 -22.90 10.20 -4.63
CA TYR A 279 -24.19 9.54 -4.55
C TYR A 279 -24.76 9.22 -5.92
N ASN A 280 -24.36 9.96 -6.96
CA ASN A 280 -25.01 9.85 -8.25
C ASN A 280 -24.52 8.65 -9.05
N GLU A 281 -23.23 8.35 -9.00
CA GLU A 281 -22.62 7.37 -9.88
C GLU A 281 -22.07 6.18 -9.09
N ILE A 282 -22.85 5.69 -8.13
CA ILE A 282 -22.60 4.38 -7.56
C ILE A 282 -23.25 3.31 -8.42
N TRP A 283 -24.45 3.59 -8.95
CA TRP A 283 -25.14 2.61 -9.77
C TRP A 283 -24.41 2.36 -11.07
N THR A 284 -24.01 3.42 -11.76
CA THR A 284 -23.29 3.25 -13.01
C THR A 284 -21.94 2.61 -12.77
N ASN A 285 -21.34 2.81 -11.60
CA ASN A 285 -20.10 2.11 -11.30
C ASN A 285 -20.33 0.61 -11.21
N ILE A 286 -21.47 0.21 -10.66
CA ILE A 286 -21.77 -1.22 -10.56
C ILE A 286 -22.03 -1.80 -11.94
N LYS A 287 -22.82 -1.10 -12.75
CA LYS A 287 -23.12 -1.62 -14.07
C LYS A 287 -21.87 -1.69 -14.93
N ASN A 288 -21.02 -0.68 -14.84
CA ASN A 288 -19.76 -0.68 -15.56
C ASN A 288 -18.80 -1.74 -15.03
N GLY A 289 -18.89 -2.05 -13.74
CA GLY A 289 -18.06 -3.11 -13.20
C GLY A 289 -18.45 -4.47 -13.73
N PHE A 290 -19.76 -4.72 -13.83
CA PHE A 290 -20.20 -5.96 -14.46
C PHE A 290 -19.83 -5.96 -15.94
N ALA A 291 -19.89 -4.80 -16.59
CA ALA A 291 -19.50 -4.72 -17.98
C ALA A 291 -18.02 -5.02 -18.18
N CYS A 292 -17.20 -4.71 -17.18
CA CYS A 292 -15.77 -4.94 -17.31
C CYS A 292 -15.43 -6.38 -17.00
N LEU A 293 -15.91 -6.88 -15.87
CA LEU A 293 -15.54 -8.22 -15.44
C LEU A 293 -16.17 -9.28 -16.35
N PHE A 294 -17.50 -9.29 -16.45
CA PHE A 294 -18.19 -10.40 -17.10
C PHE A 294 -18.00 -10.41 -18.60
N LEU A 295 -17.66 -9.28 -19.21
CA LEU A 295 -17.50 -9.18 -20.66
C LEU A 295 -16.08 -8.79 -21.06
N GLY A 296 -15.54 -7.72 -20.48
CA GLY A 296 -14.23 -7.21 -20.83
C GLY A 296 -14.23 -5.79 -21.37
N ARG A 297 -15.36 -5.11 -21.31
CA ARG A 297 -15.42 -3.74 -21.81
C ARG A 297 -14.69 -2.80 -20.87
N ASN A 298 -13.83 -1.96 -21.44
CA ASN A 298 -13.11 -0.93 -20.70
C ASN A 298 -13.89 0.37 -20.79
N THR A 299 -14.26 0.92 -19.64
CA THR A 299 -15.12 2.09 -19.56
C THR A 299 -14.37 3.39 -19.34
N VAL A 300 -13.09 3.34 -18.98
CA VAL A 300 -12.27 4.53 -18.81
C VAL A 300 -10.91 4.26 -19.45
N VAL A 301 -10.64 4.93 -20.57
CA VAL A 301 -9.36 4.89 -21.25
C VAL A 301 -8.80 6.27 -21.52
N GLU A 302 -9.55 7.32 -21.22
CA GLU A 302 -9.13 8.71 -21.40
C GLU A 302 -8.35 9.12 -20.16
N ASN A 303 -8.22 10.43 -19.90
CA ASN A 303 -7.32 10.96 -18.88
C ASN A 303 -7.56 10.33 -17.51
N CYS A 304 -6.57 9.55 -17.08
CA CYS A 304 -6.70 8.56 -16.02
C CYS A 304 -5.34 8.12 -15.53
N GLY A 305 -5.26 7.81 -14.23
CA GLY A 305 -4.10 7.19 -13.66
C GLY A 305 -3.62 7.87 -12.38
N LEU A 306 -2.34 8.18 -12.34
CA LEU A 306 -1.76 8.83 -11.17
C LEU A 306 -2.23 10.27 -11.08
N GLY A 307 -2.59 10.69 -9.86
CA GLY A 307 -2.98 12.06 -9.63
C GLY A 307 -4.23 12.47 -10.37
N MET A 308 -5.09 11.51 -10.70
CA MET A 308 -6.33 11.79 -11.42
C MET A 308 -7.50 11.15 -10.69
N ALA A 309 -8.68 11.16 -11.30
CA ALA A 309 -9.89 10.78 -10.59
C ALA A 309 -9.96 9.27 -10.36
N LYS A 310 -9.77 8.49 -11.42
CA LYS A 310 -10.02 7.06 -11.40
C LYS A 310 -8.78 6.30 -11.85
N LEU A 311 -8.69 5.05 -11.40
CA LEU A 311 -7.65 4.15 -11.82
C LEU A 311 -7.99 3.58 -13.20
N CYS A 312 -6.95 3.39 -14.01
CA CYS A 312 -7.12 2.86 -15.35
C CYS A 312 -7.31 1.35 -15.29
N ASP A 313 -8.21 0.86 -16.14
CA ASP A 313 -8.70 -0.51 -16.05
C ASP A 313 -8.48 -1.23 -17.38
N ASP A 314 -7.97 -2.45 -17.29
CA ASP A 314 -7.96 -3.40 -18.39
C ASP A 314 -8.74 -4.63 -17.94
N CYS A 315 -9.55 -5.16 -18.85
CA CYS A 315 -10.53 -6.17 -18.49
C CYS A 315 -10.72 -7.28 -19.50
N ASP A 316 -10.00 -7.26 -20.63
CA ASP A 316 -10.29 -8.23 -21.67
C ASP A 316 -9.96 -9.65 -21.25
N GLY A 317 -9.06 -9.82 -20.28
CA GLY A 317 -8.74 -11.11 -19.71
C GLY A 317 -8.62 -11.07 -18.20
N ALA A 318 -9.46 -10.26 -17.55
CA ALA A 318 -9.38 -10.08 -16.10
C ALA A 318 -10.21 -11.09 -15.33
N TRP A 319 -11.19 -11.73 -15.97
CA TRP A 319 -11.97 -12.74 -15.29
C TRP A 319 -11.11 -13.91 -14.83
N LYS A 320 -10.03 -14.20 -15.55
CA LYS A 320 -9.17 -15.31 -15.18
C LYS A 320 -8.45 -15.02 -13.87
N THR A 321 -7.84 -13.85 -13.78
CA THR A 321 -7.15 -13.45 -12.57
C THR A 321 -8.12 -13.32 -11.40
N PHE A 322 -9.32 -12.79 -11.66
CA PHE A 322 -10.31 -12.69 -10.60
C PHE A 322 -10.71 -14.07 -10.10
N ALA A 323 -10.83 -15.04 -11.02
CA ALA A 323 -11.20 -16.39 -10.62
C ALA A 323 -10.12 -17.02 -9.76
N LEU A 324 -8.86 -16.79 -10.10
CA LEU A 324 -7.79 -17.35 -9.28
C LEU A 324 -7.77 -16.69 -7.90
N PHE A 325 -8.00 -15.38 -7.86
CA PHE A 325 -8.06 -14.70 -6.57
C PHE A 325 -9.20 -15.25 -5.71
N SER A 326 -10.36 -15.47 -6.32
CA SER A 326 -11.51 -15.95 -5.57
C SER A 326 -11.27 -17.37 -5.09
N PHE A 327 -10.65 -18.21 -5.91
CA PHE A 327 -10.35 -19.57 -5.48
C PHE A 327 -9.39 -19.58 -4.30
N PHE A 328 -8.35 -18.74 -4.36
CA PHE A 328 -7.38 -18.72 -3.28
C PHE A 328 -7.99 -18.13 -2.01
N ASP A 329 -8.90 -17.17 -2.14
CA ASP A 329 -9.57 -16.64 -0.95
C ASP A 329 -10.57 -17.64 -0.38
N ILE A 330 -11.20 -18.43 -1.24
CA ILE A 330 -12.09 -19.49 -0.78
C ILE A 330 -11.30 -20.49 0.05
N CYS A 331 -10.16 -20.92 -0.47
CA CYS A 331 -9.33 -21.87 0.27
C CYS A 331 -8.77 -21.23 1.53
N ASP A 332 -8.52 -19.93 1.50
CA ASP A 332 -8.06 -19.22 2.69
C ASP A 332 -9.12 -19.28 3.78
N ASN A 333 -10.35 -18.89 3.46
CA ASN A 333 -11.40 -18.91 4.47
C ASN A 333 -11.69 -20.32 4.95
N LEU A 334 -11.60 -21.30 4.04
CA LEU A 334 -11.89 -22.67 4.41
C LEU A 334 -10.86 -23.22 5.38
N ILE A 335 -9.59 -23.05 5.07
CA ILE A 335 -8.55 -23.56 5.95
C ILE A 335 -8.48 -22.74 7.23
N THR A 336 -8.87 -21.47 7.18
CA THR A 336 -9.01 -20.68 8.40
C THR A 336 -10.04 -21.27 9.33
N SER A 337 -11.24 -21.55 8.81
CA SER A 337 -12.27 -22.14 9.65
C SER A 337 -11.88 -23.53 10.12
N TYR A 338 -11.11 -24.26 9.31
CA TYR A 338 -10.65 -25.58 9.75
C TYR A 338 -9.66 -25.46 10.90
N ILE A 339 -8.74 -24.50 10.82
CA ILE A 339 -7.80 -24.30 11.90
C ILE A 339 -8.53 -23.86 13.16
N ILE A 340 -9.55 -23.03 12.99
CA ILE A 340 -10.28 -22.49 14.15
C ILE A 340 -11.08 -23.59 14.82
N ASP A 341 -11.67 -24.48 14.03
CA ASP A 341 -12.46 -25.56 14.60
C ASP A 341 -11.55 -26.61 15.24
N LYS A 342 -10.44 -26.94 14.58
CA LYS A 342 -9.68 -28.12 14.97
C LYS A 342 -8.76 -27.83 16.14
N PHE A 343 -8.03 -26.72 16.11
CA PHE A 343 -6.99 -26.44 17.09
C PHE A 343 -7.37 -25.30 18.04
N SER A 344 -7.62 -24.12 17.51
CA SER A 344 -7.86 -22.95 18.35
C SER A 344 -8.06 -21.73 17.46
N THR A 345 -8.54 -20.65 18.08
CA THR A 345 -8.57 -19.34 17.48
C THR A 345 -7.35 -18.50 17.85
N MET A 346 -6.33 -19.13 18.43
CA MET A 346 -5.11 -18.47 18.84
C MET A 346 -3.89 -18.92 18.05
N THR A 347 -3.86 -20.18 17.63
CA THR A 347 -2.87 -20.57 16.63
C THR A 347 -3.20 -19.96 15.27
N TYR A 348 -4.47 -19.69 15.01
CA TYR A 348 -4.84 -19.09 13.73
C TYR A 348 -4.22 -17.71 13.57
N THR A 349 -4.18 -16.92 14.63
CA THR A 349 -3.64 -15.58 14.49
C THR A 349 -2.14 -15.62 14.24
N ILE A 350 -1.45 -16.64 14.76
CA ILE A 350 -0.04 -16.80 14.45
C ILE A 350 0.13 -17.18 12.99
N VAL A 351 -0.64 -18.18 12.55
CA VAL A 351 -0.56 -18.63 11.16
C VAL A 351 -1.08 -17.57 10.20
N SER A 352 -1.79 -16.56 10.70
CA SER A 352 -2.19 -15.42 9.88
C SER A 352 -1.17 -14.30 9.91
N CYS A 353 -0.37 -14.21 10.97
CA CYS A 353 0.72 -13.24 11.03
C CYS A 353 1.98 -13.75 10.35
N ILE A 354 2.01 -15.00 9.91
CA ILE A 354 3.13 -15.43 9.06
C ILE A 354 3.15 -14.65 7.76
N GLN A 355 2.01 -14.20 7.27
CA GLN A 355 1.93 -13.61 5.94
C GLN A 355 2.57 -12.24 5.84
N GLY A 356 2.88 -11.59 6.95
CA GLY A 356 3.52 -10.31 6.92
C GLY A 356 4.94 -10.40 6.39
N PRO A 357 5.80 -11.12 7.11
CA PRO A 357 7.17 -11.31 6.61
C PRO A 357 7.22 -12.09 5.32
N ALA A 358 6.30 -13.04 5.13
CA ALA A 358 6.32 -13.88 3.94
C ALA A 358 5.96 -13.12 2.67
N LEU A 359 5.13 -12.09 2.79
CA LEU A 359 4.84 -11.28 1.63
C LEU A 359 6.07 -10.53 1.16
N ALA A 360 6.88 -10.05 2.11
CA ALA A 360 8.14 -9.41 1.75
C ALA A 360 9.11 -10.42 1.16
N ILE A 361 9.11 -11.65 1.69
CA ILE A 361 9.97 -12.69 1.11
C ILE A 361 9.55 -12.99 -0.32
N ALA A 362 8.25 -13.02 -0.58
CA ALA A 362 7.74 -13.39 -1.89
C ALA A 362 7.82 -12.25 -2.90
N TYR A 363 7.89 -11.00 -2.43
CA TYR A 363 8.07 -9.88 -3.35
C TYR A 363 9.47 -9.79 -3.92
N TYR A 364 10.41 -10.61 -3.44
CA TYR A 364 11.75 -10.62 -4.02
C TYR A 364 11.75 -11.22 -5.42
N PHE A 365 10.74 -12.02 -5.75
CA PHE A 365 10.68 -12.74 -7.01
C PHE A 365 9.81 -12.01 -8.01
N LYS A 366 10.24 -12.01 -9.28
CA LYS A 366 9.45 -11.40 -10.33
C LYS A 366 8.33 -12.31 -10.80
N PHE A 367 8.45 -13.61 -10.60
CA PHE A 367 7.39 -14.53 -10.99
C PHE A 367 6.14 -14.29 -10.16
N LEU A 368 6.29 -14.02 -8.87
CA LEU A 368 5.14 -13.75 -8.01
C LEU A 368 4.69 -12.30 -8.14
N ALA A 369 5.58 -11.37 -7.80
CA ALA A 369 5.29 -9.94 -7.88
C ALA A 369 5.76 -9.42 -9.24
N GLY A 370 4.82 -9.00 -10.07
CA GLY A 370 5.14 -8.67 -11.45
C GLY A 370 5.80 -7.32 -11.62
N ASP A 371 7.11 -7.34 -11.89
CA ASP A 371 7.87 -6.18 -12.33
C ASP A 371 8.12 -5.14 -11.23
N VAL A 372 7.58 -5.36 -10.04
CA VAL A 372 7.83 -4.50 -8.88
C VAL A 372 8.34 -5.41 -7.76
N VAL A 373 9.66 -5.60 -7.74
CA VAL A 373 10.32 -6.47 -6.78
C VAL A 373 11.27 -5.63 -5.94
N ARG A 374 11.85 -6.27 -4.93
CA ARG A 374 12.77 -5.62 -4.01
C ARG A 374 13.95 -6.56 -3.75
N GLU A 375 14.98 -6.02 -3.08
CA GLU A 375 16.19 -6.75 -2.79
C GLU A 375 16.19 -7.28 -1.37
N PRO A 376 16.90 -8.38 -1.09
CA PRO A 376 16.80 -8.97 0.24
C PRO A 376 17.59 -8.22 1.30
N ARG A 377 17.00 -7.16 1.83
CA ARG A 377 17.61 -6.47 2.96
C ARG A 377 17.50 -7.31 4.21
N LEU A 378 18.43 -7.08 5.15
CA LEU A 378 18.49 -7.89 6.35
C LEU A 378 17.33 -7.65 7.29
N LEU A 379 16.64 -6.52 7.16
CA LEU A 379 15.56 -6.21 8.08
C LEU A 379 14.33 -7.09 7.81
N ASP A 380 14.08 -7.42 6.55
CA ASP A 380 13.04 -8.38 6.26
C ASP A 380 13.38 -9.75 6.84
N PHE A 381 14.66 -10.12 6.78
CA PHE A 381 15.06 -11.41 7.32
C PHE A 381 14.97 -11.44 8.84
N VAL A 382 15.24 -10.32 9.51
CA VAL A 382 15.14 -10.35 10.96
C VAL A 382 13.69 -10.23 11.41
N THR A 383 12.81 -9.62 10.61
CA THR A 383 11.38 -9.75 10.89
C THR A 383 10.95 -11.21 10.81
N LEU A 384 11.38 -11.88 9.75
CA LEU A 384 11.05 -13.29 9.57
C LEU A 384 11.55 -14.14 10.74
N PHE A 385 12.80 -13.93 11.15
CA PHE A 385 13.36 -14.78 12.19
C PHE A 385 12.88 -14.40 13.58
N GLY A 386 12.50 -13.13 13.79
CA GLY A 386 11.82 -12.78 15.02
C GLY A 386 10.47 -13.43 15.12
N TYR A 387 9.72 -13.44 14.00
CA TYR A 387 8.46 -14.18 13.94
C TYR A 387 8.69 -15.63 14.31
N LEU A 388 9.71 -16.25 13.70
CA LEU A 388 9.92 -17.67 13.91
C LEU A 388 10.28 -17.96 15.36
N PHE A 389 11.16 -17.15 15.95
CA PHE A 389 11.55 -17.40 17.33
C PHE A 389 10.37 -17.18 18.27
N GLY A 390 9.58 -16.13 18.04
CA GLY A 390 8.42 -15.89 18.87
C GLY A 390 7.40 -16.99 18.77
N SER A 391 7.14 -17.47 17.56
CA SER A 391 6.15 -18.53 17.39
C SER A 391 6.66 -19.84 17.98
N ILE A 392 7.96 -20.11 17.88
CA ILE A 392 8.51 -21.34 18.41
C ILE A 392 8.41 -21.34 19.93
N ILE A 393 8.77 -20.22 20.57
CA ILE A 393 8.68 -20.18 22.03
C ILE A 393 7.23 -20.14 22.47
N TYR A 394 6.34 -19.57 21.65
CA TYR A 394 4.92 -19.60 21.96
C TYR A 394 4.38 -21.02 21.96
N ARG A 395 4.68 -21.78 20.91
CA ARG A 395 4.24 -23.16 20.84
C ARG A 395 4.89 -23.99 21.95
N VAL A 396 6.10 -23.66 22.35
CA VAL A 396 6.71 -24.36 23.47
C VAL A 396 5.94 -24.08 24.76
N GLY A 397 5.49 -22.84 24.92
CA GLY A 397 4.66 -22.53 26.07
C GLY A 397 3.35 -23.28 26.05
N ASN A 398 2.75 -23.39 24.87
CA ASN A 398 1.53 -24.17 24.72
C ASN A 398 1.79 -25.64 25.04
N ILE A 399 2.98 -26.14 24.71
CA ILE A 399 3.30 -27.53 24.96
C ILE A 399 3.46 -27.79 26.44
N ILE A 400 4.15 -26.88 27.15
CA ILE A 400 4.23 -27.00 28.61
C ILE A 400 2.84 -26.91 29.23
N LEU A 401 1.99 -26.02 28.72
CA LEU A 401 0.65 -25.89 29.30
C LEU A 401 -0.16 -27.17 29.09
N GLU A 402 -0.09 -27.74 27.89
CA GLU A 402 -0.79 -28.98 27.62
C GLU A 402 -0.22 -30.13 28.44
N ARG A 403 1.10 -30.15 28.67
CA ARG A 403 1.69 -31.21 29.46
C ARG A 403 1.28 -31.11 30.92
N LYS A 404 1.18 -29.88 31.43
CA LYS A 404 0.74 -29.70 32.80
C LYS A 404 -0.74 -29.97 32.96
N LYS A 405 -1.52 -29.77 31.89
CA LYS A 405 -2.94 -30.09 31.94
C LYS A 405 -3.18 -31.60 31.87
N MET A 406 -2.48 -32.30 30.97
CA MET A 406 -2.66 -33.73 30.82
C MET A 406 -1.96 -34.52 31.91
N ARG A 407 -0.96 -33.95 32.57
CA ARG A 407 -0.33 -34.60 33.70
C ARG A 407 -1.21 -34.61 34.94
N ASN A 408 -2.31 -33.85 34.94
CA ASN A 408 -3.23 -33.78 36.06
C ASN A 408 -4.65 -34.09 35.61
N SER B 3 -11.59 23.92 -10.71
CA SER B 3 -11.74 22.78 -11.60
C SER B 3 -10.38 22.25 -12.05
N GLU B 4 -9.68 23.04 -12.85
CA GLU B 4 -8.37 22.67 -13.35
C GLU B 4 -7.29 23.07 -12.36
N VAL B 5 -6.25 22.25 -12.27
CA VAL B 5 -5.24 22.40 -11.24
C VAL B 5 -4.27 23.50 -11.63
N GLN B 6 -3.96 24.37 -10.66
CA GLN B 6 -2.93 25.39 -10.81
C GLN B 6 -2.23 25.55 -9.47
N LEU B 7 -0.99 26.03 -9.53
CA LEU B 7 -0.20 26.32 -8.34
C LEU B 7 0.60 27.60 -8.62
N VAL B 8 0.05 28.74 -8.20
CA VAL B 8 0.66 30.04 -8.49
C VAL B 8 1.38 30.54 -7.26
N GLU B 9 2.62 30.98 -7.44
CA GLU B 9 3.47 31.38 -6.33
C GLU B 9 3.51 32.90 -6.21
N SER B 10 4.19 33.36 -5.17
CA SER B 10 4.35 34.78 -4.92
C SER B 10 5.54 34.96 -3.98
N GLY B 11 5.91 36.22 -3.76
CA GLY B 11 6.95 36.54 -2.80
C GLY B 11 8.36 36.50 -3.34
N GLY B 12 8.56 36.13 -4.60
CA GLY B 12 9.89 36.09 -5.15
C GLY B 12 10.42 37.47 -5.46
N GLY B 13 11.74 37.54 -5.56
CA GLY B 13 12.41 38.77 -5.92
C GLY B 13 13.78 38.84 -5.29
N LEU B 14 14.23 40.08 -5.09
CA LEU B 14 15.54 40.35 -4.55
C LEU B 14 15.48 40.44 -3.03
N VAL B 15 16.43 39.77 -2.38
CA VAL B 15 16.59 39.85 -0.93
C VAL B 15 18.06 39.83 -0.59
N GLN B 16 18.45 40.65 0.37
CA GLN B 16 19.84 40.78 0.77
C GLN B 16 20.35 39.46 1.34
N PRO B 17 21.64 39.13 1.19
CA PRO B 17 22.15 37.92 1.83
C PRO B 17 22.07 38.05 3.35
N GLY B 18 21.46 37.06 3.98
CA GLY B 18 21.32 37.07 5.42
C GLY B 18 20.03 37.74 5.85
N GLY B 19 18.93 37.30 5.27
CA GLY B 19 17.63 37.84 5.61
C GLY B 19 16.51 36.85 5.45
N SER B 20 15.27 37.35 5.40
CA SER B 20 14.07 36.52 5.38
C SER B 20 13.32 36.71 4.08
N LEU B 21 12.62 35.66 3.66
CA LEU B 21 11.71 35.77 2.54
C LEU B 21 10.66 34.67 2.62
N ARG B 22 9.40 35.04 2.36
CA ARG B 22 8.28 34.12 2.43
C ARG B 22 7.66 33.98 1.05
N LEU B 23 7.63 32.76 0.54
CA LEU B 23 6.94 32.40 -0.68
C LEU B 23 5.63 31.72 -0.32
N SER B 24 4.65 31.83 -1.22
CA SER B 24 3.29 31.39 -0.93
C SER B 24 2.68 30.86 -2.21
N CYS B 25 2.57 29.54 -2.34
CA CYS B 25 1.93 28.92 -3.50
C CYS B 25 0.47 28.64 -3.16
N ALA B 26 -0.42 29.29 -3.91
CA ALA B 26 -1.84 29.06 -3.82
C ALA B 26 -2.24 28.00 -4.84
N ALA B 27 -2.98 27.01 -4.37
CA ALA B 27 -3.37 25.84 -5.15
C ALA B 27 -4.84 25.92 -5.51
N SER B 28 -5.14 25.63 -6.77
CA SER B 28 -6.50 25.68 -7.29
C SER B 28 -6.97 24.27 -7.65
N GLY B 29 -8.28 24.07 -7.59
CA GLY B 29 -8.87 22.82 -7.98
C GLY B 29 -8.85 21.76 -6.89
N PHE B 30 -7.68 21.16 -6.68
CA PHE B 30 -7.56 20.05 -5.75
C PHE B 30 -7.43 20.55 -4.31
N ASN B 31 -7.69 19.64 -3.38
CA ASN B 31 -7.62 19.95 -1.96
C ASN B 31 -6.21 19.71 -1.45
N VAL B 32 -5.67 20.71 -0.76
CA VAL B 32 -4.30 20.66 -0.28
C VAL B 32 -4.11 19.58 0.77
N SER B 33 -5.16 19.25 1.52
CA SER B 33 -5.02 18.35 2.65
C SER B 33 -4.74 16.91 2.24
N TYR B 34 -5.20 16.49 1.06
CA TYR B 34 -5.17 15.10 0.67
C TYR B 34 -3.94 14.75 -0.18
N SER B 35 -2.87 15.54 -0.09
CA SER B 35 -1.71 15.30 -0.93
C SER B 35 -0.50 16.03 -0.37
N TYR B 36 0.67 15.56 -0.75
CA TYR B 36 1.91 16.25 -0.42
C TYR B 36 2.01 17.54 -1.19
N ILE B 37 2.76 18.48 -0.63
CA ILE B 37 3.14 19.71 -1.31
C ILE B 37 4.59 20.00 -0.95
N HIS B 38 5.42 20.24 -1.97
CA HIS B 38 6.85 20.37 -1.78
C HIS B 38 7.42 21.40 -2.74
N TRP B 39 8.43 22.12 -2.25
CA TRP B 39 9.14 23.12 -3.01
C TRP B 39 10.43 22.52 -3.56
N VAL B 40 10.70 22.79 -4.84
CA VAL B 40 11.87 22.26 -5.52
C VAL B 40 12.51 23.40 -6.29
N ARG B 41 13.81 23.57 -6.11
CA ARG B 41 14.53 24.69 -6.68
C ARG B 41 15.48 24.21 -7.77
N GLN B 42 15.87 25.14 -8.64
CA GLN B 42 17.01 24.91 -9.49
C GLN B 42 17.76 26.22 -9.68
N ALA B 43 19.07 26.18 -9.47
CA ALA B 43 19.90 27.34 -9.70
C ALA B 43 20.07 27.55 -11.19
N PRO B 44 20.61 28.71 -11.60
CA PRO B 44 20.81 28.94 -13.04
C PRO B 44 21.79 27.95 -13.65
N GLY B 45 21.28 27.10 -14.54
CA GLY B 45 22.12 26.17 -15.25
C GLY B 45 22.52 24.94 -14.47
N LYS B 46 21.70 24.51 -13.51
CA LYS B 46 21.97 23.35 -12.69
C LYS B 46 20.70 22.53 -12.55
N GLY B 47 20.85 21.36 -11.96
CA GLY B 47 19.76 20.42 -11.86
C GLY B 47 18.76 20.78 -10.79
N LEU B 48 17.69 20.00 -10.75
CA LEU B 48 16.64 20.21 -9.78
C LEU B 48 17.09 19.72 -8.42
N GLU B 49 16.79 20.51 -7.38
CA GLU B 49 17.19 20.20 -6.02
C GLU B 49 16.00 20.34 -5.11
N TRP B 50 15.77 19.33 -4.28
CA TRP B 50 14.65 19.35 -3.36
C TRP B 50 14.95 20.29 -2.20
N VAL B 51 13.91 20.99 -1.75
CA VAL B 51 14.05 22.00 -0.70
C VAL B 51 13.36 21.49 0.56
N ALA B 52 12.05 21.28 0.47
CA ALA B 52 11.26 20.86 1.62
C ALA B 52 10.06 20.08 1.12
N SER B 53 9.16 19.74 2.04
CA SER B 53 7.90 19.10 1.73
C SER B 53 7.01 19.12 2.96
N ILE B 54 5.70 19.09 2.73
CA ILE B 54 4.71 19.09 3.80
C ILE B 54 3.55 18.18 3.43
N TYR B 55 3.06 17.44 4.41
CA TYR B 55 1.77 16.78 4.37
C TYR B 55 0.85 17.56 5.30
N PRO B 56 -0.04 18.43 4.80
CA PRO B 56 -0.73 19.38 5.69
C PRO B 56 -1.74 18.75 6.61
N TYR B 57 -2.26 17.56 6.29
CA TYR B 57 -3.27 16.95 7.14
C TYR B 57 -2.63 16.42 8.42
N SER B 58 -1.56 15.65 8.26
CA SER B 58 -0.74 15.25 9.40
C SER B 58 0.15 16.37 9.89
N GLY B 59 0.29 17.45 9.12
CA GLY B 59 1.23 18.50 9.47
C GLY B 59 2.67 18.10 9.38
N TYR B 60 2.97 17.00 8.68
CA TYR B 60 4.31 16.43 8.69
C TYR B 60 5.21 17.19 7.73
N THR B 61 6.32 17.71 8.24
CA THR B 61 7.25 18.49 7.45
C THR B 61 8.57 17.75 7.32
N SER B 62 9.19 17.91 6.16
CA SER B 62 10.52 17.39 5.89
C SER B 62 11.31 18.44 5.14
N TYR B 63 12.63 18.40 5.30
CA TYR B 63 13.53 19.36 4.70
C TYR B 63 14.70 18.64 4.08
N ALA B 64 15.40 19.35 3.21
CA ALA B 64 16.66 18.87 2.67
C ALA B 64 17.78 19.05 3.69
N ASP B 65 18.96 18.54 3.35
CA ASP B 65 20.06 18.57 4.29
C ASP B 65 20.77 19.91 4.33
N SER B 66 20.70 20.69 3.26
CA SER B 66 21.37 21.97 3.19
C SER B 66 20.56 23.11 3.78
N VAL B 67 19.26 22.90 4.04
CA VAL B 67 18.36 23.94 4.50
C VAL B 67 17.77 23.65 5.87
N LYS B 68 18.09 22.51 6.46
CA LYS B 68 17.41 22.10 7.69
C LYS B 68 17.78 23.02 8.83
N GLY B 69 16.76 23.51 9.54
CA GLY B 69 16.94 24.44 10.62
C GLY B 69 16.88 25.90 10.20
N ARG B 70 17.01 26.18 8.91
CA ARG B 70 16.96 27.54 8.39
C ARG B 70 15.64 27.87 7.73
N PHE B 71 15.02 26.90 7.07
CA PHE B 71 13.77 27.08 6.36
C PHE B 71 12.62 26.58 7.23
N THR B 72 11.41 26.93 6.81
CA THR B 72 10.21 26.49 7.52
C THR B 72 9.06 26.47 6.53
N ILE B 73 8.54 25.29 6.27
CA ILE B 73 7.40 25.10 5.39
C ILE B 73 6.17 24.90 6.24
N SER B 74 5.04 25.38 5.73
CA SER B 74 3.80 25.36 6.47
C SER B 74 2.65 25.43 5.49
N ALA B 75 1.43 25.30 6.02
CA ALA B 75 0.25 25.32 5.18
C ALA B 75 -0.95 25.77 6.00
N ASP B 76 -1.77 26.62 5.39
CA ASP B 76 -3.03 27.06 5.96
C ASP B 76 -4.13 26.46 5.10
N THR B 77 -4.59 25.27 5.47
CA THR B 77 -5.56 24.53 4.68
C THR B 77 -6.94 25.18 4.70
N SER B 78 -7.15 26.19 5.53
CA SER B 78 -8.42 26.91 5.49
C SER B 78 -8.55 27.69 4.18
N LYS B 79 -7.47 28.36 3.78
CA LYS B 79 -7.41 29.07 2.50
C LYS B 79 -6.73 28.26 1.41
N ASN B 80 -6.24 27.06 1.71
CA ASN B 80 -5.80 26.10 0.69
C ASN B 80 -4.55 26.57 -0.05
N THR B 81 -3.60 27.13 0.69
CA THR B 81 -2.30 27.52 0.15
C THR B 81 -1.19 26.87 0.95
N ALA B 82 0.04 27.24 0.63
CA ALA B 82 1.21 26.64 1.27
C ALA B 82 2.37 27.63 1.27
N TYR B 83 3.00 27.80 2.41
CA TYR B 83 4.00 28.82 2.65
C TYR B 83 5.37 28.19 2.87
N LEU B 84 6.40 28.91 2.44
CA LEU B 84 7.80 28.54 2.68
C LEU B 84 8.53 29.80 3.10
N GLN B 85 9.01 29.83 4.34
CA GLN B 85 9.84 30.92 4.82
C GLN B 85 11.28 30.47 4.84
N MET B 86 12.15 31.30 4.27
CA MET B 86 13.57 31.04 4.20
C MET B 86 14.28 32.11 5.01
N ASN B 87 15.08 31.66 5.97
CA ASN B 87 15.76 32.53 6.92
C ASN B 87 17.23 32.18 6.93
N SER B 88 18.06 33.17 7.29
CA SER B 88 19.51 33.06 7.19
C SER B 88 19.89 32.65 5.76
N LEU B 89 19.43 33.45 4.82
CA LEU B 89 19.63 33.15 3.41
C LEU B 89 21.07 33.44 3.01
N ARG B 90 21.63 32.55 2.22
CA ARG B 90 22.98 32.67 1.69
C ARG B 90 22.92 33.08 0.22
N ALA B 91 24.10 33.22 -0.38
CA ALA B 91 24.20 33.62 -1.77
C ALA B 91 24.07 32.45 -2.74
N GLU B 92 24.18 31.21 -2.26
CA GLU B 92 24.06 30.03 -3.10
C GLU B 92 22.64 29.46 -3.12
N ASP B 93 21.69 30.11 -2.46
CA ASP B 93 20.29 29.70 -2.48
C ASP B 93 19.48 30.45 -3.53
N THR B 94 20.09 31.36 -4.27
CA THR B 94 19.40 31.99 -5.39
C THR B 94 19.08 30.96 -6.44
N ALA B 95 17.84 30.96 -6.90
CA ALA B 95 17.36 29.91 -7.79
C ALA B 95 15.92 30.21 -8.15
N VAL B 96 15.37 29.40 -9.06
CA VAL B 96 13.96 29.43 -9.39
C VAL B 96 13.29 28.32 -8.60
N TYR B 97 12.27 28.71 -7.82
CA TYR B 97 11.57 27.82 -6.90
C TYR B 97 10.20 27.48 -7.47
N TYR B 98 9.90 26.18 -7.55
CA TYR B 98 8.61 25.68 -7.99
C TYR B 98 7.91 25.00 -6.82
N CYS B 99 6.65 25.36 -6.59
CA CYS B 99 5.78 24.61 -5.70
C CYS B 99 5.10 23.52 -6.49
N ALA B 100 5.00 22.32 -5.94
CA ALA B 100 4.46 21.20 -6.69
C ALA B 100 3.95 20.13 -5.74
N ARG B 101 2.99 19.36 -6.22
CA ARG B 101 2.32 18.35 -5.44
C ARG B 101 2.69 16.96 -5.93
N TYR B 102 2.39 15.96 -5.10
CA TYR B 102 2.38 14.56 -5.52
C TYR B 102 1.00 14.17 -6.00
N GLY B 103 0.91 13.79 -7.27
CA GLY B 103 -0.19 12.98 -7.71
C GLY B 103 0.04 11.55 -7.29
N SER B 104 -0.98 10.95 -6.69
CA SER B 104 -0.87 9.65 -6.03
C SER B 104 -1.72 8.62 -6.76
N ASN B 105 -1.17 7.42 -6.90
CA ASN B 105 -1.87 6.26 -7.44
C ASN B 105 -2.03 5.26 -6.31
N TYR B 106 -3.27 4.91 -6.03
CA TYR B 106 -3.66 4.14 -4.85
C TYR B 106 -3.97 2.71 -5.28
N SER B 107 -2.99 1.82 -5.19
CA SER B 107 -3.22 0.41 -5.42
C SER B 107 -3.68 -0.21 -4.11
N PHE B 108 -4.68 -1.07 -4.20
CA PHE B 108 -5.37 -1.54 -3.00
C PHE B 108 -5.83 -2.97 -3.20
N TRP B 109 -5.26 -3.86 -2.41
CA TRP B 109 -5.82 -5.18 -2.21
C TRP B 109 -6.60 -5.16 -0.89
N TYR B 110 -7.46 -6.14 -0.71
CA TYR B 110 -8.48 -6.03 0.33
C TYR B 110 -7.91 -6.10 1.75
N ARG B 111 -6.61 -6.30 1.91
CA ARG B 111 -5.94 -6.29 3.21
C ARG B 111 -4.69 -5.42 3.20
N GLY B 112 -4.55 -4.51 2.24
CA GLY B 112 -3.39 -3.64 2.22
C GLY B 112 -3.44 -2.71 1.04
N SER B 113 -2.59 -1.68 1.10
CA SER B 113 -2.61 -0.64 0.09
C SER B 113 -1.22 -0.06 -0.09
N SER B 114 -0.81 0.06 -1.34
CA SER B 114 0.43 0.70 -1.72
C SER B 114 0.12 1.99 -2.48
N VAL B 115 0.74 3.08 -2.07
CA VAL B 115 0.54 4.39 -2.68
C VAL B 115 1.84 4.74 -3.38
N THR B 116 1.75 4.96 -4.70
CA THR B 116 2.89 5.45 -5.47
C THR B 116 2.66 6.92 -5.78
N TYR B 117 3.76 7.64 -5.93
CA TYR B 117 3.74 9.09 -6.05
C TYR B 117 4.48 9.52 -7.30
N ALA B 118 4.08 10.67 -7.83
CA ALA B 118 4.90 11.35 -8.82
C ALA B 118 4.49 12.81 -8.84
N ILE B 119 5.46 13.67 -9.12
CA ILE B 119 5.24 15.11 -9.04
C ILE B 119 4.38 15.49 -10.24
N ASP B 120 3.09 15.70 -9.99
CA ASP B 120 2.10 15.80 -11.05
C ASP B 120 2.07 17.18 -11.68
N TYR B 121 1.74 18.20 -10.89
CA TYR B 121 1.55 19.56 -11.37
C TYR B 121 2.59 20.47 -10.74
N TRP B 122 3.31 21.20 -11.56
CA TRP B 122 4.33 22.14 -11.14
C TRP B 122 3.84 23.56 -11.37
N GLY B 123 4.31 24.47 -10.52
CA GLY B 123 4.06 25.87 -10.75
C GLY B 123 4.99 26.44 -11.79
N GLN B 124 4.68 27.67 -12.22
CA GLN B 124 5.50 28.31 -13.25
C GLN B 124 6.87 28.72 -12.71
N GLY B 125 6.97 28.97 -11.40
CA GLY B 125 8.25 29.23 -10.78
C GLY B 125 8.53 30.69 -10.47
N THR B 126 9.16 30.95 -9.32
CA THR B 126 9.56 32.29 -8.90
C THR B 126 11.07 32.36 -8.70
N LEU B 127 11.68 33.41 -9.23
CA LEU B 127 13.10 33.63 -9.09
C LEU B 127 13.41 34.29 -7.75
N VAL B 128 14.50 33.85 -7.12
CA VAL B 128 14.98 34.41 -5.87
C VAL B 128 16.46 34.68 -5.98
N THR B 129 16.90 35.83 -5.47
CA THR B 129 18.29 36.26 -5.51
C THR B 129 18.76 36.73 -4.13
N ASP C 2 20.45 10.56 1.38
CA ASP C 2 21.06 9.24 1.44
C ASP C 2 21.20 8.66 0.04
N ILE C 3 20.08 8.50 -0.65
CA ILE C 3 20.07 7.93 -1.99
C ILE C 3 20.37 9.03 -2.99
N GLN C 4 21.30 8.75 -3.91
CA GLN C 4 21.54 9.59 -5.07
C GLN C 4 21.33 8.76 -6.32
N MET C 5 20.88 9.43 -7.38
CA MET C 5 20.51 8.78 -8.64
C MET C 5 21.53 9.19 -9.69
N THR C 6 22.52 8.35 -9.92
CA THR C 6 23.53 8.66 -10.93
C THR C 6 22.92 8.46 -12.31
N GLN C 7 22.77 9.56 -13.05
CA GLN C 7 22.14 9.54 -14.40
C GLN C 7 23.16 9.24 -15.50
N SER C 8 22.86 8.23 -16.31
CA SER C 8 23.62 7.63 -17.45
C SER C 8 24.61 8.56 -18.14
N PRO C 9 24.22 9.17 -19.28
CA PRO C 9 25.08 10.07 -20.04
C PRO C 9 24.53 11.47 -19.74
N SER C 10 25.39 12.42 -19.36
CA SER C 10 24.80 13.75 -19.04
C SER C 10 24.14 14.36 -20.28
N SER C 11 24.80 14.32 -21.42
CA SER C 11 24.21 14.87 -22.67
C SER C 11 24.53 13.98 -23.85
N LEU C 12 23.52 13.64 -24.63
CA LEU C 12 23.64 12.80 -25.81
C LEU C 12 23.13 13.55 -27.03
N SER C 13 23.82 13.35 -28.15
CA SER C 13 23.48 14.00 -29.41
C SER C 13 22.76 12.98 -30.29
N ALA C 14 21.57 13.34 -30.75
CA ALA C 14 20.72 12.41 -31.47
C ALA C 14 19.87 13.17 -32.48
N SER C 15 19.84 12.67 -33.70
CA SER C 15 19.03 13.28 -34.75
C SER C 15 17.58 12.84 -34.63
N VAL C 16 16.75 13.41 -35.48
CA VAL C 16 15.32 13.09 -35.48
C VAL C 16 15.11 11.72 -36.10
N GLY C 17 14.28 10.91 -35.46
CA GLY C 17 14.07 9.55 -35.87
C GLY C 17 14.95 8.53 -35.17
N ASP C 18 15.72 8.96 -34.17
CA ASP C 18 16.61 8.08 -33.45
C ASP C 18 15.87 7.40 -32.30
N ARG C 19 16.51 6.37 -31.74
CA ARG C 19 16.07 5.71 -30.52
C ARG C 19 17.08 6.02 -29.43
N VAL C 20 16.72 6.91 -28.51
CA VAL C 20 17.58 7.29 -27.42
C VAL C 20 17.17 6.53 -26.17
N THR C 21 18.15 6.28 -25.32
CA THR C 21 17.98 5.55 -24.07
C THR C 21 18.76 6.29 -23.00
N ILE C 22 18.05 6.81 -22.00
CA ILE C 22 18.64 7.54 -20.88
C ILE C 22 18.50 6.66 -19.66
N THR C 23 19.61 6.44 -18.96
CA THR C 23 19.68 5.48 -17.88
C THR C 23 19.97 6.24 -16.60
N CYS C 24 19.40 5.80 -15.49
CA CYS C 24 19.85 6.31 -14.19
C CYS C 24 19.79 5.18 -13.18
N ARG C 25 20.92 4.96 -12.52
CA ARG C 25 21.06 3.94 -11.49
C ARG C 25 21.02 4.60 -10.13
N ALA C 26 20.11 4.15 -9.28
CA ALA C 26 20.10 4.59 -7.91
C ALA C 26 21.21 3.88 -7.13
N SER C 27 21.52 4.43 -5.96
CA SER C 27 22.61 3.89 -5.16
C SER C 27 22.25 2.53 -4.59
N GLN C 28 21.15 2.47 -3.84
CA GLN C 28 20.68 1.24 -3.21
C GLN C 28 19.32 0.87 -3.80
N SER C 29 18.76 -0.23 -3.30
CA SER C 29 17.60 -0.85 -3.93
C SER C 29 16.38 0.03 -3.72
N VAL C 30 16.14 0.90 -4.67
CA VAL C 30 14.84 1.56 -4.79
C VAL C 30 13.90 0.60 -5.50
N SER C 31 12.62 0.69 -5.17
CA SER C 31 11.61 -0.15 -5.81
C SER C 31 11.29 0.44 -7.17
N SER C 32 10.20 -0.03 -7.78
CA SER C 32 9.76 0.54 -9.05
C SER C 32 9.38 2.01 -8.94
N ALA C 33 9.20 2.53 -7.73
CA ALA C 33 8.73 3.89 -7.51
C ALA C 33 9.86 4.88 -7.79
N VAL C 34 10.10 5.13 -9.07
CA VAL C 34 10.80 6.33 -9.51
C VAL C 34 10.02 6.90 -10.69
N ALA C 35 10.27 8.17 -10.97
CA ALA C 35 9.59 8.89 -12.03
C ALA C 35 10.61 9.58 -12.92
N TRP C 36 10.10 10.10 -14.03
CA TRP C 36 10.91 10.70 -15.08
C TRP C 36 10.20 11.92 -15.60
N TYR C 37 10.93 13.04 -15.64
CA TYR C 37 10.43 14.34 -16.07
C TYR C 37 11.29 14.86 -17.20
N GLN C 38 10.72 15.79 -17.98
CA GLN C 38 11.44 16.42 -19.09
C GLN C 38 11.15 17.92 -19.07
N GLN C 39 12.21 18.69 -18.81
CA GLN C 39 12.16 20.13 -18.64
C GLN C 39 12.80 20.78 -19.87
N LYS C 40 12.03 21.57 -20.59
CA LYS C 40 12.60 22.39 -21.64
C LYS C 40 13.32 23.60 -21.02
N PRO C 41 14.27 24.20 -21.75
CA PRO C 41 14.87 25.44 -21.23
C PRO C 41 13.86 26.57 -21.12
N GLY C 42 13.55 26.95 -19.89
CA GLY C 42 12.69 28.07 -19.60
C GLY C 42 11.27 27.73 -19.21
N LYS C 43 11.00 26.49 -18.79
CA LYS C 43 9.66 26.06 -18.44
C LYS C 43 9.74 25.07 -17.30
N ALA C 44 8.58 24.68 -16.79
CA ALA C 44 8.50 23.76 -15.68
C ALA C 44 8.65 22.32 -16.17
N PRO C 45 9.14 21.42 -15.33
CA PRO C 45 9.30 20.02 -15.77
C PRO C 45 7.96 19.32 -15.89
N LYS C 46 7.64 18.87 -17.10
CA LYS C 46 6.51 17.98 -17.28
C LYS C 46 6.83 16.59 -16.74
N LEU C 47 5.83 15.94 -16.17
CA LEU C 47 5.95 14.54 -15.81
C LEU C 47 5.74 13.69 -17.05
N LEU C 48 6.67 12.76 -17.26
CA LEU C 48 6.58 11.79 -18.35
C LEU C 48 6.17 10.42 -17.86
N ILE C 49 6.85 9.90 -16.84
CA ILE C 49 6.62 8.52 -16.38
C ILE C 49 6.60 8.50 -14.87
N TYR C 50 5.64 7.74 -14.32
CA TYR C 50 5.60 7.39 -12.90
C TYR C 50 5.79 5.89 -12.73
N SER C 51 6.41 5.51 -11.63
CA SER C 51 6.63 4.11 -11.26
C SER C 51 7.44 3.35 -12.31
N ALA C 52 8.26 4.07 -13.07
CA ALA C 52 9.29 3.47 -13.92
C ALA C 52 8.79 2.64 -15.09
N SER C 53 7.48 2.51 -15.26
CA SER C 53 6.93 1.75 -16.38
C SER C 53 5.68 2.34 -17.01
N SER C 54 5.02 3.31 -16.37
CA SER C 54 3.68 3.72 -16.73
C SER C 54 3.68 5.14 -17.30
N LEU C 55 2.96 5.31 -18.41
CA LEU C 55 2.83 6.61 -19.03
C LEU C 55 1.83 7.48 -18.28
N TYR C 56 2.18 8.73 -18.05
CA TYR C 56 1.26 9.69 -17.49
C TYR C 56 0.23 10.11 -18.54
N SER C 57 -0.96 10.47 -18.08
CA SER C 57 -2.04 10.85 -18.98
C SER C 57 -1.66 12.11 -19.75
N GLY C 58 -1.67 12.01 -21.08
CA GLY C 58 -1.27 13.07 -21.97
C GLY C 58 0.04 12.82 -22.66
N VAL C 59 0.88 11.97 -22.10
CA VAL C 59 2.20 11.69 -22.68
C VAL C 59 2.02 10.85 -23.94
N PRO C 60 2.65 11.18 -25.06
CA PRO C 60 2.57 10.30 -26.23
C PRO C 60 3.19 8.94 -25.97
N SER C 61 2.93 8.03 -26.91
CA SER C 61 3.28 6.63 -26.79
C SER C 61 4.75 6.33 -27.10
N ARG C 62 5.57 7.34 -27.34
CA ARG C 62 6.96 7.08 -27.69
C ARG C 62 7.81 6.80 -26.46
N PHE C 63 7.48 7.42 -25.34
CA PHE C 63 8.26 7.27 -24.13
C PHE C 63 7.89 5.98 -23.42
N SER C 64 8.89 5.29 -22.89
CA SER C 64 8.64 4.11 -22.09
C SER C 64 9.73 3.95 -21.06
N GLY C 65 9.37 3.33 -19.94
CA GLY C 65 10.28 3.11 -18.85
C GLY C 65 10.48 1.63 -18.59
N SER C 66 11.63 1.29 -18.05
CA SER C 66 11.98 -0.09 -17.74
C SER C 66 12.97 -0.09 -16.60
N ARG C 67 13.17 -1.27 -16.01
CA ARG C 67 14.10 -1.39 -14.91
C ARG C 67 14.60 -2.82 -14.81
N SER C 68 15.78 -2.96 -14.21
CA SER C 68 16.30 -4.27 -13.81
C SER C 68 17.11 -4.03 -12.55
N GLY C 69 16.48 -4.18 -11.40
CA GLY C 69 17.09 -3.85 -10.14
C GLY C 69 16.99 -2.37 -9.85
N THR C 70 18.12 -1.67 -9.96
CA THR C 70 18.19 -0.25 -9.69
C THR C 70 18.52 0.59 -10.92
N ASP C 71 18.81 -0.04 -12.06
CA ASP C 71 19.23 0.66 -13.27
C ASP C 71 17.99 0.95 -14.11
N PHE C 72 17.32 2.05 -13.79
CA PHE C 72 16.13 2.44 -14.53
C PHE C 72 16.53 3.01 -15.88
N THR C 73 15.63 2.88 -16.85
CA THR C 73 15.92 3.20 -18.23
C THR C 73 14.69 3.78 -18.88
N LEU C 74 14.78 5.02 -19.30
CA LEU C 74 13.79 5.66 -20.15
C LEU C 74 14.26 5.52 -21.58
N THR C 75 13.32 5.32 -22.51
CA THR C 75 13.66 5.15 -23.90
C THR C 75 12.57 5.75 -24.77
N ILE C 76 13.00 6.32 -25.90
CA ILE C 76 12.11 6.97 -26.85
C ILE C 76 12.20 6.23 -28.17
N SER C 77 11.05 5.87 -28.73
CA SER C 77 11.03 5.05 -29.94
C SER C 77 11.51 5.85 -31.14
N SER C 78 11.04 7.08 -31.29
CA SER C 78 11.43 7.92 -32.41
C SER C 78 11.38 9.37 -31.94
N LEU C 79 12.54 10.00 -31.86
CA LEU C 79 12.60 11.39 -31.42
C LEU C 79 11.91 12.28 -32.43
N GLN C 80 11.29 13.33 -31.94
CA GLN C 80 10.68 14.37 -32.75
C GLN C 80 11.22 15.72 -32.27
N PRO C 81 11.09 16.78 -33.07
CA PRO C 81 11.72 18.06 -32.71
C PRO C 81 11.18 18.69 -31.43
N GLU C 82 10.12 18.15 -30.84
CA GLU C 82 9.61 18.62 -29.55
C GLU C 82 10.10 17.78 -28.38
N ASP C 83 10.93 16.77 -28.62
CA ASP C 83 11.51 15.94 -27.58
C ASP C 83 12.95 16.34 -27.24
N PHE C 84 13.34 17.56 -27.57
CA PHE C 84 14.69 18.06 -27.29
C PHE C 84 14.61 18.92 -26.03
N ALA C 85 15.08 18.35 -24.93
CA ALA C 85 14.97 18.98 -23.63
C ALA C 85 15.90 18.25 -22.67
N THR C 86 15.77 18.54 -21.38
CA THR C 86 16.59 17.94 -20.34
C THR C 86 15.75 16.99 -19.51
N TYR C 87 16.26 15.78 -19.28
CA TYR C 87 15.47 14.70 -18.69
C TYR C 87 16.05 14.33 -17.34
N TYR C 88 15.19 14.32 -16.31
CA TYR C 88 15.57 14.00 -14.95
C TYR C 88 14.81 12.76 -14.47
N CYS C 89 15.41 12.03 -13.53
CA CYS C 89 14.73 10.95 -12.83
C CYS C 89 14.76 11.22 -11.32
N GLN C 90 13.73 10.72 -10.65
CA GLN C 90 13.44 11.08 -9.26
C GLN C 90 12.94 9.88 -8.49
N GLN C 91 13.58 9.58 -7.35
CA GLN C 91 13.14 8.48 -6.51
C GLN C 91 12.07 8.96 -5.53
N SER C 92 11.25 8.01 -5.07
CA SER C 92 10.17 8.28 -4.13
C SER C 92 10.10 7.23 -3.04
N SER C 93 11.22 6.58 -2.73
CA SER C 93 11.26 5.55 -1.69
C SER C 93 11.61 6.12 -0.33
N THR C 94 12.79 6.72 -0.19
CA THR C 94 13.24 7.30 1.07
C THR C 94 13.16 8.81 1.00
N TRP C 95 13.16 9.44 2.17
CA TRP C 95 12.77 10.83 2.24
C TRP C 95 13.78 11.84 1.72
N PRO C 96 15.11 11.62 1.80
CA PRO C 96 15.97 12.58 1.11
C PRO C 96 15.77 12.43 -0.38
N ILE C 97 15.00 13.35 -0.95
CA ILE C 97 14.64 13.29 -2.36
C ILE C 97 15.82 13.80 -3.16
N THR C 98 16.28 13.00 -4.13
CA THR C 98 17.37 13.35 -4.99
C THR C 98 16.96 13.10 -6.43
N PHE C 99 16.97 14.16 -7.23
CA PHE C 99 16.78 14.04 -8.65
C PHE C 99 18.08 13.60 -9.30
N GLY C 100 18.01 13.27 -10.58
CA GLY C 100 19.21 13.13 -11.36
C GLY C 100 19.76 14.47 -11.78
N GLN C 101 21.01 14.46 -12.22
CA GLN C 101 21.69 15.68 -12.60
C GLN C 101 21.38 16.13 -14.02
N GLY C 102 20.38 15.54 -14.66
CA GLY C 102 19.93 15.99 -15.95
C GLY C 102 20.56 15.23 -17.09
N THR C 103 19.93 15.34 -18.26
CA THR C 103 20.41 14.69 -19.48
C THR C 103 19.86 15.46 -20.66
N LYS C 104 20.70 16.19 -21.35
CA LYS C 104 20.28 17.11 -22.40
C LYS C 104 20.42 16.46 -23.75
N VAL C 105 19.30 16.35 -24.47
CA VAL C 105 19.25 15.80 -25.82
C VAL C 105 19.35 16.94 -26.82
N GLU C 106 20.12 16.73 -27.88
CA GLU C 106 20.38 17.77 -28.85
C GLU C 106 20.71 17.20 -30.22
#